data_4QZE
#
_entry.id   4QZE
#
_cell.length_a   58.033
_cell.length_b   71.608
_cell.length_c   113.948
_cell.angle_alpha   90.00
_cell.angle_beta   95.19
_cell.angle_gamma   90.00
#
_symmetry.space_group_name_H-M   'C 1 2 1'
#
loop_
_entity.id
_entity.type
_entity.pdbx_description
1 polymer 'DNA nucleotidylexotransferase'
2 polymer "5'-D(*AP*AP*AP*AP*AP*C)-3'"
3 polymer "5'-D(*TP*TP*TP*TP*TP*GP*GP*G)-3'"
4 non-polymer 'MAGNESIUM ION'
5 non-polymer 'SODIUM ION'
6 non-polymer "2',3'-DIDEOXYCYTIDINE 5'-TRIPHOSPHATE"
7 water water
#
loop_
_entity_poly.entity_id
_entity_poly.type
_entity_poly.pdbx_seq_one_letter_code
_entity_poly.pdbx_strand_id
1 'polypeptide(L)'
;MGSSHHHHHHSSGLVPRGSHMSPSPVPGSQNVPAPAVKKISQYACQRRTTLNNYNQLFTDALDILAENDELRENEGSCLA
FMRASSVLKSLPFPITSMKDTEGIPCLGDKVKSIIEGIIEDGESSEAKAVLNDERYKSFKLFTSVFGVGLKTAEKWFRMG
FRTLSKIQSDKSLRFTQMQKAGFLYYEDLVSCVNRPEAEAVSMLVKEAVVTFLPDALVTMTGGFRRGKMTGHDVDFLITS
PEATEDEEQQLLHKVTDFWKQQGLLLYCDILESTFEKFKQPSRKVDALDHAQKCFLILKLDHGRVHSEKSGQQEGKGWKA
IRVDLVMCPYDRRAFALLGWTGSRQFERDLRRYATHERKMMLDNHALYDRTKRVFLEAESEEEIFAHLGLDYIEPWERNA
;
A
2 'polydeoxyribonucleotide' (DA)(DA)(DA)(DA)(DA)(DC) D,U
3 'polydeoxyribonucleotide' (DT)(DT)(DT)(DT)(DT)(DG)(DG)(DG) T
#
loop_
_chem_comp.id
_chem_comp.type
_chem_comp.name
_chem_comp.formula
DA DNA linking 2'-DEOXYADENOSINE-5'-MONOPHOSPHATE 'C10 H14 N5 O6 P'
DC DNA linking 2'-DEOXYCYTIDINE-5'-MONOPHOSPHATE 'C9 H14 N3 O7 P'
DCT DNA linking '2',3'-DIDEOXYCYTIDINE 5'-TRIPHOSPHATE' 'C9 H16 N3 O12 P3'
DG DNA linking 2'-DEOXYGUANOSINE-5'-MONOPHOSPHATE 'C10 H14 N5 O7 P'
DT DNA linking THYMIDINE-5'-MONOPHOSPHATE 'C10 H15 N2 O8 P'
MG non-polymer 'MAGNESIUM ION' 'Mg 2'
NA non-polymer 'SODIUM ION' 'Na 1'
#
# COMPACT_ATOMS: atom_id res chain seq x y z
N LYS A 38 1.33 -26.68 13.04
CA LYS A 38 2.25 -26.68 11.89
C LYS A 38 3.27 -25.51 11.98
N LYS A 39 4.44 -25.68 11.31
CA LYS A 39 5.54 -24.69 11.32
C LYS A 39 5.17 -23.43 10.52
N ILE A 40 5.20 -22.25 11.20
CA ILE A 40 4.91 -20.95 10.60
C ILE A 40 6.01 -20.63 9.59
N SER A 41 5.62 -20.29 8.36
CA SER A 41 6.59 -19.92 7.33
C SER A 41 7.12 -18.49 7.53
N GLN A 42 8.36 -18.26 7.10
CA GLN A 42 8.99 -16.94 7.11
C GLN A 42 8.38 -16.03 6.01
N TYR A 43 7.66 -16.66 5.04
CA TYR A 43 7.04 -15.96 3.92
C TYR A 43 5.59 -15.59 4.20
N ALA A 44 5.25 -14.33 4.00
CA ALA A 44 3.88 -13.84 4.20
C ALA A 44 2.89 -14.54 3.26
N CYS A 45 3.34 -14.95 2.07
CA CYS A 45 2.53 -15.64 1.06
C CYS A 45 2.21 -17.10 1.46
N GLN A 46 2.81 -17.60 2.54
CA GLN A 46 2.51 -18.93 3.10
C GLN A 46 1.81 -18.79 4.46
N ARG A 47 1.28 -17.59 4.76
CA ARG A 47 0.57 -17.30 6.02
C ARG A 47 -0.77 -16.67 5.72
N ARG A 48 -1.77 -16.87 6.60
CA ARG A 48 -3.10 -16.25 6.48
C ARG A 48 -3.09 -15.10 7.48
N THR A 49 -3.21 -13.86 6.98
CA THR A 49 -3.18 -12.67 7.86
C THR A 49 -4.47 -11.91 7.66
N THR A 50 -5.34 -12.02 8.65
CA THR A 50 -6.65 -11.36 8.66
C THR A 50 -6.51 -10.07 9.45
N LEU A 51 -7.55 -9.25 9.48
CA LEU A 51 -7.51 -7.95 10.15
C LEU A 51 -7.61 -8.04 11.70
N ASN A 52 -7.80 -9.26 12.26
CA ASN A 52 -7.83 -9.46 13.71
C ASN A 52 -6.41 -9.63 14.23
N ASN A 53 -5.77 -8.51 14.53
CA ASN A 53 -4.43 -8.50 15.10
C ASN A 53 -4.49 -8.54 16.64
N TYR A 54 -4.00 -9.65 17.24
CA TYR A 54 -3.98 -9.89 18.69
C TYR A 54 -2.70 -9.35 19.34
N ASN A 55 -1.79 -8.80 18.53
CA ASN A 55 -0.47 -8.37 19.01
C ASN A 55 -0.14 -6.92 18.63
N GLN A 56 -1.16 -6.04 18.56
CA GLN A 56 -0.95 -4.63 18.20
C GLN A 56 0.04 -3.90 19.12
N LEU A 57 0.13 -4.29 20.40
CA LEU A 57 1.08 -3.68 21.35
C LEU A 57 2.52 -3.88 20.86
N PHE A 58 2.81 -5.08 20.34
CA PHE A 58 4.12 -5.44 19.81
C PHE A 58 4.34 -4.88 18.41
N THR A 59 3.35 -5.03 17.49
CA THR A 59 3.48 -4.60 16.09
C THR A 59 3.51 -3.06 15.96
N ASP A 60 2.79 -2.30 16.81
CA ASP A 60 2.87 -0.84 16.75
C ASP A 60 4.29 -0.37 17.06
N ALA A 61 4.95 -1.00 18.05
CA ALA A 61 6.34 -0.71 18.42
C ALA A 61 7.32 -1.07 17.30
N LEU A 62 7.15 -2.28 16.71
CA LEU A 62 7.99 -2.75 15.60
C LEU A 62 7.82 -1.87 14.36
N ASP A 63 6.60 -1.39 14.08
CA ASP A 63 6.31 -0.52 12.94
C ASP A 63 7.03 0.85 13.10
N ILE A 64 7.12 1.36 14.34
CA ILE A 64 7.79 2.62 14.65
C ILE A 64 9.32 2.46 14.42
N LEU A 65 9.90 1.36 14.92
CA LEU A 65 11.33 1.05 14.78
C LEU A 65 11.72 0.85 13.29
N ALA A 66 10.84 0.21 12.52
CA ALA A 66 11.03 0.02 11.09
C ALA A 66 11.04 1.36 10.36
N GLU A 67 10.09 2.23 10.70
CA GLU A 67 9.94 3.55 10.12
C GLU A 67 11.18 4.43 10.39
N ASN A 68 11.74 4.34 11.59
CA ASN A 68 12.95 5.06 11.95
C ASN A 68 14.15 4.58 11.10
N ASP A 69 14.27 3.24 10.89
CA ASP A 69 15.33 2.69 10.06
C ASP A 69 15.17 3.10 8.60
N GLU A 70 13.91 3.31 8.14
CA GLU A 70 13.59 3.74 6.77
C GLU A 70 14.11 5.15 6.56
N LEU A 71 13.86 6.01 7.56
CA LEU A 71 14.30 7.40 7.62
C LEU A 71 15.84 7.48 7.64
N ARG A 72 16.51 6.59 8.41
CA ARG A 72 17.96 6.57 8.57
C ARG A 72 18.65 5.82 7.42
N GLU A 73 17.86 5.42 6.38
CA GLU A 73 18.25 4.68 5.17
C GLU A 73 18.94 3.33 5.50
N ASN A 74 18.56 2.74 6.65
CA ASN A 74 19.03 1.41 7.08
C ASN A 74 18.00 0.40 6.61
N GLU A 75 18.07 0.06 5.30
CA GLU A 75 17.12 -0.80 4.57
C GLU A 75 16.99 -2.20 5.16
N GLY A 76 18.12 -2.80 5.55
CA GLY A 76 18.18 -4.14 6.13
C GLY A 76 17.48 -4.27 7.47
N SER A 77 17.80 -3.35 8.41
CA SER A 77 17.18 -3.32 9.73
C SER A 77 15.68 -2.97 9.62
N CYS A 78 15.33 -2.09 8.66
CA CYS A 78 13.95 -1.70 8.37
C CYS A 78 13.14 -2.92 7.96
N LEU A 79 13.65 -3.66 6.96
CA LEU A 79 12.98 -4.84 6.45
C LEU A 79 12.82 -5.90 7.57
N ALA A 80 13.85 -6.11 8.44
CA ALA A 80 13.76 -7.07 9.54
C ALA A 80 12.65 -6.70 10.55
N PHE A 81 12.47 -5.41 10.85
CA PHE A 81 11.40 -5.02 11.76
C PHE A 81 10.02 -5.14 11.04
N MET A 82 9.94 -4.87 9.72
CA MET A 82 8.67 -5.03 8.98
C MET A 82 8.23 -6.51 8.89
N ARG A 83 9.19 -7.43 8.77
CA ARG A 83 8.93 -8.88 8.67
C ARG A 83 8.49 -9.43 10.03
N ALA A 84 9.09 -8.93 11.12
CA ALA A 84 8.75 -9.35 12.49
C ALA A 84 7.34 -8.88 12.82
N SER A 85 7.04 -7.62 12.49
CA SER A 85 5.70 -7.06 12.68
C SER A 85 4.65 -7.88 11.89
N SER A 86 4.92 -8.16 10.59
CA SER A 86 4.09 -8.97 9.69
C SER A 86 3.79 -10.38 10.25
N VAL A 87 4.82 -11.13 10.73
CA VAL A 87 4.59 -12.49 11.26
C VAL A 87 3.71 -12.42 12.52
N LEU A 88 3.88 -11.40 13.39
CA LEU A 88 3.08 -11.30 14.61
C LEU A 88 1.63 -10.99 14.28
N LYS A 89 1.39 -10.21 13.21
CA LYS A 89 0.03 -9.89 12.73
C LYS A 89 -0.74 -11.19 12.31
N SER A 90 -0.02 -12.24 11.88
CA SER A 90 -0.62 -13.52 11.45
C SER A 90 -1.01 -14.42 12.62
N LEU A 91 -0.48 -14.19 13.84
CA LEU A 91 -0.77 -15.06 14.99
C LEU A 91 -2.23 -15.07 15.41
N PRO A 92 -2.80 -16.27 15.69
CA PRO A 92 -4.22 -16.36 16.10
C PRO A 92 -4.42 -16.17 17.61
N PHE A 93 -3.36 -15.76 18.32
CA PHE A 93 -3.37 -15.57 19.76
C PHE A 93 -2.40 -14.43 20.16
N PRO A 94 -2.61 -13.76 21.32
CA PRO A 94 -1.65 -12.73 21.76
C PRO A 94 -0.43 -13.33 22.49
N ILE A 95 0.79 -12.80 22.23
CA ILE A 95 1.99 -13.21 22.98
C ILE A 95 1.79 -12.74 24.44
N THR A 96 1.92 -13.65 25.43
CA THR A 96 1.77 -13.25 26.84
C THR A 96 3.05 -13.61 27.64
N SER A 97 3.98 -14.38 27.06
CA SER A 97 5.26 -14.77 27.67
C SER A 97 6.30 -15.00 26.59
N MET A 98 7.59 -15.04 26.97
CA MET A 98 8.67 -15.25 26.02
C MET A 98 8.63 -16.64 25.38
N LYS A 99 8.08 -17.63 26.10
CA LYS A 99 7.90 -19.01 25.62
C LYS A 99 7.02 -19.04 24.37
N ASP A 100 6.05 -18.12 24.27
CA ASP A 100 5.15 -18.00 23.12
C ASP A 100 5.88 -17.62 21.83
N THR A 101 7.12 -17.09 21.92
CA THR A 101 7.85 -16.70 20.71
C THR A 101 8.68 -17.86 20.09
N GLU A 102 8.77 -19.01 20.78
CA GLU A 102 9.51 -20.18 20.32
C GLU A 102 8.99 -20.70 18.99
N GLY A 103 9.91 -20.91 18.06
CA GLY A 103 9.62 -21.42 16.72
C GLY A 103 8.98 -20.42 15.77
N ILE A 104 8.81 -19.16 16.18
CA ILE A 104 8.23 -18.15 15.28
C ILE A 104 9.40 -17.57 14.44
N PRO A 105 9.35 -17.64 13.10
CA PRO A 105 10.44 -17.06 12.30
C PRO A 105 10.41 -15.54 12.25
N CYS A 106 11.50 -14.93 11.79
CA CYS A 106 11.71 -13.48 11.62
C CYS A 106 11.85 -12.77 12.99
N LEU A 107 12.05 -13.54 14.08
CA LEU A 107 12.27 -12.99 15.41
C LEU A 107 13.65 -13.35 15.91
N GLY A 108 14.59 -12.49 15.66
CA GLY A 108 15.94 -12.74 16.17
C GLY A 108 16.10 -12.18 17.56
N ASP A 109 17.36 -12.09 18.03
CA ASP A 109 17.66 -11.60 19.37
C ASP A 109 17.21 -10.18 19.62
N LYS A 110 17.44 -9.25 18.68
CA LYS A 110 17.04 -7.85 18.81
C LYS A 110 15.51 -7.74 18.97
N VAL A 111 14.75 -8.42 18.10
CA VAL A 111 13.29 -8.37 18.14
C VAL A 111 12.76 -9.01 19.46
N LYS A 112 13.35 -10.13 19.89
CA LYS A 112 12.93 -10.80 21.14
C LYS A 112 13.16 -9.91 22.36
N SER A 113 14.23 -9.07 22.34
CA SER A 113 14.51 -8.11 23.41
C SER A 113 13.39 -7.07 23.48
N ILE A 114 12.89 -6.61 22.31
CA ILE A 114 11.82 -5.62 22.24
C ILE A 114 10.51 -6.21 22.81
N ILE A 115 10.19 -7.47 22.40
CA ILE A 115 9.00 -8.19 22.88
C ILE A 115 9.06 -8.34 24.42
N GLU A 116 10.24 -8.73 24.95
CA GLU A 116 10.47 -8.91 26.38
C GLU A 116 10.14 -7.63 27.17
N GLY A 117 10.61 -6.49 26.67
CA GLY A 117 10.37 -5.18 27.27
C GLY A 117 8.91 -4.78 27.32
N ILE A 118 8.14 -5.13 26.27
CA ILE A 118 6.71 -4.83 26.17
C ILE A 118 5.94 -5.76 27.15
N ILE A 119 6.34 -7.05 27.27
CA ILE A 119 5.74 -8.00 28.21
C ILE A 119 5.94 -7.46 29.64
N GLU A 120 7.14 -6.89 29.94
CA GLU A 120 7.55 -6.33 31.23
C GLU A 120 6.58 -5.27 31.79
N ASP A 121 6.29 -4.19 31.03
CA ASP A 121 5.44 -3.11 31.55
C ASP A 121 4.41 -2.54 30.52
N GLY A 122 4.14 -3.28 29.46
CA GLY A 122 3.19 -2.87 28.43
C GLY A 122 3.65 -1.80 27.46
N GLU A 123 4.92 -1.36 27.56
CA GLU A 123 5.50 -0.33 26.71
C GLU A 123 6.84 -0.71 26.14
N SER A 124 7.22 -0.11 25.01
CA SER A 124 8.53 -0.29 24.38
C SER A 124 9.36 0.96 24.60
N SER A 125 10.46 0.84 25.39
CA SER A 125 11.36 1.96 25.65
C SER A 125 12.07 2.40 24.36
N GLU A 126 12.37 1.44 23.46
CA GLU A 126 13.02 1.65 22.15
C GLU A 126 12.12 2.48 21.22
N ALA A 127 10.83 2.12 21.12
CA ALA A 127 9.87 2.83 20.30
C ALA A 127 9.56 4.22 20.92
N LYS A 128 9.56 4.33 22.26
CA LYS A 128 9.35 5.58 23.00
C LYS A 128 10.47 6.59 22.70
N ALA A 129 11.73 6.11 22.58
CA ALA A 129 12.88 6.95 22.22
C ALA A 129 12.77 7.47 20.78
N VAL A 130 12.24 6.65 19.86
CA VAL A 130 12.04 7.06 18.47
C VAL A 130 10.93 8.13 18.40
N LEU A 131 9.83 7.94 19.15
CA LEU A 131 8.69 8.86 19.20
C LEU A 131 9.06 10.24 19.75
N ASN A 132 10.13 10.32 20.56
CA ASN A 132 10.63 11.55 21.14
C ASN A 132 11.79 12.16 20.33
N ASP A 133 12.29 11.45 19.31
CA ASP A 133 13.38 11.94 18.47
C ASP A 133 12.89 13.04 17.52
N GLU A 134 13.60 14.17 17.45
CA GLU A 134 13.25 15.33 16.63
C GLU A 134 13.27 15.03 15.13
N ARG A 135 14.26 14.26 14.67
CA ARG A 135 14.37 13.86 13.26
C ARG A 135 13.18 12.99 12.88
N TYR A 136 12.83 12.02 13.73
CA TYR A 136 11.70 11.13 13.46
C TYR A 136 10.38 11.91 13.41
N LYS A 137 10.14 12.82 14.38
CA LYS A 137 8.93 13.64 14.41
C LYS A 137 8.76 14.47 13.12
N SER A 138 9.86 15.10 12.67
CA SER A 138 9.88 15.93 11.47
C SER A 138 9.63 15.10 10.21
N PHE A 139 10.25 13.92 10.11
CA PHE A 139 10.08 13.05 8.95
C PHE A 139 8.63 12.60 8.81
N LYS A 140 7.99 12.20 9.93
CA LYS A 140 6.59 11.76 9.92
C LYS A 140 5.68 12.89 9.47
N LEU A 141 5.88 14.08 10.06
CA LEU A 141 5.08 15.26 9.76
C LEU A 141 5.24 15.71 8.30
N PHE A 142 6.47 15.85 7.83
CA PHE A 142 6.73 16.28 6.47
C PHE A 142 6.29 15.34 5.36
N THR A 143 6.53 14.05 5.54
CA THR A 143 6.12 13.05 4.54
C THR A 143 4.62 12.78 4.56
N SER A 144 3.88 13.29 5.56
CA SER A 144 2.43 13.15 5.61
C SER A 144 1.79 14.02 4.49
N VAL A 145 2.57 14.94 3.87
CA VAL A 145 2.12 15.77 2.75
C VAL A 145 2.30 14.98 1.44
N PHE A 146 1.25 14.89 0.58
CA PHE A 146 1.31 14.25 -0.75
C PHE A 146 2.32 15.05 -1.61
N GLY A 147 3.33 14.37 -2.12
CA GLY A 147 4.38 15.02 -2.90
C GLY A 147 5.69 15.22 -2.14
N VAL A 148 5.70 14.90 -0.84
CA VAL A 148 6.89 15.02 0.01
C VAL A 148 7.35 13.63 0.43
N GLY A 149 8.55 13.26 0.02
CA GLY A 149 9.13 11.97 0.39
C GLY A 149 10.32 12.17 1.32
N LEU A 150 11.10 11.11 1.50
CA LEU A 150 12.27 11.02 2.35
C LEU A 150 13.32 12.12 2.08
N LYS A 151 13.65 12.37 0.79
CA LYS A 151 14.66 13.36 0.38
C LYS A 151 14.25 14.80 0.71
N THR A 152 13.00 15.22 0.37
CA THR A 152 12.52 16.59 0.64
C THR A 152 12.36 16.79 2.16
N ALA A 153 11.87 15.77 2.89
CA ALA A 153 11.71 15.85 4.35
C ALA A 153 13.06 16.04 5.05
N GLU A 154 14.10 15.32 4.58
CA GLU A 154 15.48 15.42 5.10
C GLU A 154 16.06 16.81 4.81
N LYS A 155 15.82 17.32 3.59
CA LYS A 155 16.26 18.66 3.17
C LYS A 155 15.64 19.75 4.06
N TRP A 156 14.32 19.69 4.30
CA TRP A 156 13.65 20.70 5.11
C TRP A 156 14.11 20.66 6.57
N PHE A 157 14.35 19.45 7.11
CA PHE A 157 14.84 19.27 8.48
C PHE A 157 16.23 19.91 8.62
N ARG A 158 17.14 19.66 7.67
CA ARG A 158 18.50 20.22 7.68
C ARG A 158 18.50 21.73 7.46
N MET A 159 17.40 22.30 6.95
CA MET A 159 17.24 23.74 6.75
C MET A 159 16.74 24.40 8.04
N GLY A 160 16.33 23.57 9.00
CA GLY A 160 15.85 24.04 10.29
C GLY A 160 14.35 24.11 10.44
N PHE A 161 13.58 23.62 9.45
CA PHE A 161 12.12 23.62 9.54
C PHE A 161 11.62 22.53 10.47
N ARG A 162 10.57 22.84 11.26
CA ARG A 162 10.00 21.89 12.20
C ARG A 162 8.47 21.80 12.08
N THR A 163 7.82 22.78 11.44
CA THR A 163 6.35 22.78 11.32
C THR A 163 5.91 22.99 9.88
N LEU A 164 4.70 22.52 9.53
CA LEU A 164 4.16 22.68 8.17
C LEU A 164 3.81 24.14 7.91
N SER A 165 3.35 24.88 8.94
CA SER A 165 3.02 26.31 8.82
C SER A 165 4.24 27.15 8.42
N LYS A 166 5.43 26.84 8.98
CA LYS A 166 6.67 27.55 8.66
C LYS A 166 7.14 27.19 7.25
N ILE A 167 6.90 25.95 6.79
CA ILE A 167 7.27 25.54 5.44
C ILE A 167 6.39 26.29 4.41
N GLN A 168 5.06 26.24 4.58
CA GLN A 168 4.06 26.84 3.68
C GLN A 168 4.18 28.35 3.54
N SER A 169 4.55 29.05 4.62
CA SER A 169 4.64 30.50 4.62
C SER A 169 6.03 31.04 4.23
N ASP A 170 7.03 30.14 4.05
CA ASP A 170 8.39 30.53 3.65
C ASP A 170 8.38 31.16 2.25
N LYS A 171 9.14 32.25 2.08
CA LYS A 171 9.18 33.05 0.85
C LYS A 171 10.24 32.57 -0.17
N SER A 172 11.19 31.73 0.27
CA SER A 172 12.25 31.24 -0.61
C SER A 172 11.99 29.84 -1.15
N LEU A 173 11.22 29.01 -0.43
CA LEU A 173 10.90 27.63 -0.84
C LEU A 173 10.04 27.59 -2.10
N ARG A 174 10.31 26.64 -3.00
CA ARG A 174 9.53 26.45 -4.22
C ARG A 174 8.97 25.05 -4.19
N PHE A 175 7.66 24.93 -4.42
CA PHE A 175 6.96 23.65 -4.34
C PHE A 175 6.60 23.08 -5.69
N THR A 176 6.70 21.75 -5.81
CA THR A 176 6.32 21.01 -7.02
C THR A 176 4.79 21.04 -7.13
N GLN A 177 4.24 20.76 -8.33
CA GLN A 177 2.78 20.70 -8.53
C GLN A 177 2.11 19.67 -7.59
N MET A 178 2.79 18.53 -7.35
CA MET A 178 2.34 17.46 -6.46
C MET A 178 2.22 17.97 -5.02
N GLN A 179 3.25 18.70 -4.52
CA GLN A 179 3.29 19.29 -3.17
C GLN A 179 2.22 20.37 -2.97
N LYS A 180 1.99 21.22 -3.99
CA LYS A 180 0.95 22.26 -3.98
C LYS A 180 -0.42 21.61 -3.71
N ALA A 181 -0.72 20.51 -4.42
CA ALA A 181 -1.94 19.71 -4.22
C ALA A 181 -1.93 19.05 -2.85
N GLY A 182 -0.78 18.55 -2.41
CA GLY A 182 -0.58 17.94 -1.10
C GLY A 182 -0.93 18.88 0.05
N PHE A 183 -0.54 20.16 -0.07
CA PHE A 183 -0.82 21.17 0.95
C PHE A 183 -2.25 21.68 0.85
N LEU A 184 -2.75 21.88 -0.38
CA LEU A 184 -4.11 22.39 -0.60
C LEU A 184 -5.20 21.45 -0.07
N TYR A 185 -5.02 20.13 -0.24
CA TYR A 185 -5.98 19.10 0.17
C TYR A 185 -5.48 18.28 1.38
N TYR A 186 -4.54 18.83 2.15
CA TYR A 186 -3.89 18.18 3.30
C TYR A 186 -4.86 17.52 4.31
N GLU A 187 -5.79 18.29 4.89
CA GLU A 187 -6.75 17.81 5.91
C GLU A 187 -7.61 16.67 5.38
N ASP A 188 -8.08 16.75 4.11
CA ASP A 188 -8.88 15.68 3.51
C ASP A 188 -8.05 14.41 3.33
N LEU A 189 -6.83 14.54 2.79
CA LEU A 189 -5.95 13.40 2.50
C LEU A 189 -5.41 12.75 3.78
N VAL A 190 -5.22 13.52 4.87
CA VAL A 190 -4.72 12.97 6.13
C VAL A 190 -5.88 12.27 6.92
N SER A 191 -7.16 12.61 6.64
CA SER A 191 -8.31 11.99 7.32
C SER A 191 -8.63 10.57 6.81
N CYS A 192 -8.02 10.09 5.71
CA CYS A 192 -8.23 8.75 5.12
C CYS A 192 -9.71 8.50 4.68
N VAL A 193 -9.89 7.48 3.90
CA VAL A 193 -11.10 7.13 3.22
C VAL A 193 -11.79 5.97 3.92
N ASN A 194 -13.12 6.03 4.06
CA ASN A 194 -13.89 4.94 4.66
C ASN A 194 -14.59 4.13 3.54
N ARG A 195 -15.28 3.02 3.87
CA ARG A 195 -15.92 2.12 2.87
C ARG A 195 -17.02 2.83 2.07
N PRO A 196 -17.97 3.60 2.70
CA PRO A 196 -18.98 4.30 1.87
C PRO A 196 -18.33 5.24 0.84
N GLU A 197 -17.23 5.92 1.21
CA GLU A 197 -16.49 6.80 0.30
C GLU A 197 -15.84 6.00 -0.82
N ALA A 198 -15.16 4.86 -0.47
CA ALA A 198 -14.52 3.97 -1.46
C ALA A 198 -15.53 3.46 -2.47
N GLU A 199 -16.73 3.06 -1.98
CA GLU A 199 -17.78 2.55 -2.85
C GLU A 199 -18.32 3.63 -3.79
N ALA A 200 -18.47 4.86 -3.26
CA ALA A 200 -18.93 6.03 -4.03
C ALA A 200 -17.92 6.32 -5.13
N VAL A 201 -16.60 6.18 -4.84
CA VAL A 201 -15.52 6.38 -5.81
C VAL A 201 -15.62 5.27 -6.90
N SER A 202 -15.86 4.01 -6.49
CA SER A 202 -15.99 2.89 -7.43
C SER A 202 -17.06 3.17 -8.50
N MET A 203 -18.21 3.71 -8.06
CA MET A 203 -19.32 4.11 -8.93
C MET A 203 -18.87 5.18 -9.95
N LEU A 204 -18.14 6.22 -9.48
CA LEU A 204 -17.58 7.29 -10.33
C LEU A 204 -16.63 6.72 -11.39
N VAL A 205 -15.72 5.81 -10.96
CA VAL A 205 -14.74 5.18 -11.84
C VAL A 205 -15.47 4.38 -12.92
N LYS A 206 -16.40 3.50 -12.51
CA LYS A 206 -17.16 2.64 -13.41
C LYS A 206 -17.97 3.46 -14.43
N GLU A 207 -18.67 4.52 -13.95
CA GLU A 207 -19.47 5.41 -14.81
C GLU A 207 -18.62 6.06 -15.89
N ALA A 208 -17.42 6.54 -15.53
CA ALA A 208 -16.48 7.18 -16.45
C ALA A 208 -15.89 6.18 -17.47
N VAL A 209 -15.40 5.03 -16.97
CA VAL A 209 -14.77 4.00 -17.78
C VAL A 209 -15.74 3.41 -18.86
N VAL A 210 -16.97 2.97 -18.49
CA VAL A 210 -17.93 2.37 -19.44
C VAL A 210 -18.37 3.38 -20.54
N THR A 211 -18.24 4.69 -20.28
CA THR A 211 -18.55 5.74 -21.25
C THR A 211 -17.61 5.60 -22.49
N PHE A 212 -16.35 5.19 -22.28
CA PHE A 212 -15.37 5.04 -23.38
C PHE A 212 -15.13 3.57 -23.78
N LEU A 213 -15.22 2.63 -22.81
CA LEU A 213 -15.09 1.18 -23.02
C LEU A 213 -16.26 0.46 -22.33
N PRO A 214 -17.41 0.25 -23.01
CA PRO A 214 -18.56 -0.37 -22.32
C PRO A 214 -18.37 -1.83 -21.85
N ASP A 215 -17.40 -2.57 -22.42
CA ASP A 215 -17.14 -3.95 -21.99
C ASP A 215 -16.05 -4.06 -20.91
N ALA A 216 -15.52 -2.91 -20.44
CA ALA A 216 -14.44 -2.90 -19.44
C ALA A 216 -14.86 -3.41 -18.08
N LEU A 217 -13.93 -4.15 -17.44
CA LEU A 217 -14.05 -4.69 -16.10
C LEU A 217 -13.23 -3.81 -15.17
N VAL A 218 -13.89 -3.26 -14.15
CA VAL A 218 -13.25 -2.39 -13.16
C VAL A 218 -13.31 -3.09 -11.81
N THR A 219 -12.13 -3.32 -11.20
CA THR A 219 -12.05 -4.00 -9.92
C THR A 219 -11.34 -3.11 -8.90
N MET A 220 -11.92 -2.96 -7.73
CA MET A 220 -11.26 -2.26 -6.65
C MET A 220 -10.20 -3.18 -6.07
N THR A 221 -8.98 -2.69 -5.98
CA THR A 221 -7.87 -3.50 -5.47
C THR A 221 -7.40 -2.90 -4.12
N GLY A 222 -6.12 -3.06 -3.80
CA GLY A 222 -5.55 -2.51 -2.57
C GLY A 222 -6.23 -2.95 -1.29
N GLY A 223 -6.11 -2.13 -0.24
CA GLY A 223 -6.64 -2.41 1.09
C GLY A 223 -8.10 -2.77 1.19
N PHE A 224 -8.94 -2.06 0.45
CA PHE A 224 -10.38 -2.28 0.47
C PHE A 224 -10.75 -3.64 -0.09
N ARG A 225 -9.98 -4.19 -1.08
CA ARG A 225 -10.21 -5.55 -1.58
C ARG A 225 -9.82 -6.59 -0.50
N ARG A 226 -8.89 -6.21 0.39
CA ARG A 226 -8.42 -7.08 1.47
C ARG A 226 -9.33 -7.01 2.71
N GLY A 227 -10.46 -6.31 2.59
CA GLY A 227 -11.47 -6.16 3.63
C GLY A 227 -11.29 -5.01 4.60
N LYS A 228 -10.35 -4.09 4.33
CA LYS A 228 -10.11 -2.95 5.22
C LYS A 228 -11.29 -2.01 5.24
N MET A 229 -11.57 -1.43 6.41
CA MET A 229 -12.68 -0.51 6.48
C MET A 229 -12.18 0.93 6.28
N THR A 230 -10.84 1.14 6.21
CA THR A 230 -10.25 2.45 5.89
C THR A 230 -9.02 2.28 4.99
N GLY A 231 -8.57 3.37 4.40
CA GLY A 231 -7.40 3.38 3.55
C GLY A 231 -6.95 4.80 3.24
N HIS A 232 -5.68 4.97 2.82
CA HIS A 232 -5.12 6.29 2.48
C HIS A 232 -5.60 6.73 1.07
N ASP A 233 -5.95 5.73 0.24
CA ASP A 233 -6.43 5.95 -1.12
C ASP A 233 -7.43 4.86 -1.54
N VAL A 234 -7.91 4.90 -2.78
CA VAL A 234 -8.77 3.86 -3.41
C VAL A 234 -8.09 3.49 -4.71
N ASP A 235 -7.75 2.21 -4.88
CA ASP A 235 -7.05 1.72 -6.08
C ASP A 235 -7.97 0.86 -6.92
N PHE A 236 -7.77 0.91 -8.26
CA PHE A 236 -8.58 0.16 -9.22
C PHE A 236 -7.75 -0.45 -10.32
N LEU A 237 -8.18 -1.62 -10.78
CA LEU A 237 -7.64 -2.28 -11.95
C LEU A 237 -8.72 -2.22 -13.02
N ILE A 238 -8.36 -1.76 -14.21
CA ILE A 238 -9.26 -1.67 -15.36
C ILE A 238 -8.69 -2.55 -16.46
N THR A 239 -9.56 -3.37 -17.10
CA THR A 239 -9.15 -4.23 -18.21
C THR A 239 -10.34 -4.42 -19.16
N SER A 240 -10.07 -4.64 -20.44
CA SER A 240 -11.14 -4.82 -21.43
C SER A 240 -10.87 -6.01 -22.35
N PRO A 241 -11.80 -6.98 -22.43
CA PRO A 241 -11.56 -8.13 -23.32
C PRO A 241 -11.56 -7.82 -24.82
N GLU A 242 -12.20 -6.73 -25.28
CA GLU A 242 -12.25 -6.44 -26.73
C GLU A 242 -11.48 -5.17 -27.17
N ALA A 243 -10.92 -4.36 -26.23
CA ALA A 243 -10.20 -3.13 -26.58
C ALA A 243 -8.92 -3.41 -27.36
N THR A 244 -8.57 -2.49 -28.27
CA THR A 244 -7.34 -2.57 -29.08
C THR A 244 -6.17 -2.02 -28.26
N GLU A 245 -4.94 -2.09 -28.79
CA GLU A 245 -3.73 -1.58 -28.13
C GLU A 245 -3.85 -0.05 -27.93
N ASP A 246 -4.39 0.65 -28.94
CA ASP A 246 -4.59 2.11 -28.92
C ASP A 246 -5.72 2.48 -27.96
N GLU A 247 -6.86 1.73 -27.97
CA GLU A 247 -7.99 1.98 -27.07
C GLU A 247 -7.56 1.84 -25.61
N GLU A 248 -6.75 0.80 -25.32
CA GLU A 248 -6.18 0.51 -24.00
C GLU A 248 -5.29 1.65 -23.52
N GLN A 249 -4.54 2.27 -24.45
CA GLN A 249 -3.63 3.37 -24.16
C GLN A 249 -4.41 4.68 -23.89
N GLN A 250 -5.50 4.92 -24.61
CA GLN A 250 -6.23 6.18 -24.52
C GLN A 250 -7.24 6.26 -23.37
N LEU A 251 -7.68 5.12 -22.79
CA LEU A 251 -8.75 5.12 -21.78
C LEU A 251 -8.46 6.06 -20.57
N LEU A 252 -7.27 6.01 -19.98
CA LEU A 252 -6.97 6.85 -18.80
C LEU A 252 -6.97 8.35 -19.15
N HIS A 253 -6.53 8.70 -20.37
CA HIS A 253 -6.55 10.08 -20.86
C HIS A 253 -8.00 10.54 -21.07
N LYS A 254 -8.86 9.68 -21.63
CA LYS A 254 -10.27 9.99 -21.87
C LYS A 254 -11.04 10.18 -20.55
N VAL A 255 -10.85 9.26 -19.59
CA VAL A 255 -11.52 9.27 -18.29
C VAL A 255 -11.11 10.52 -17.46
N THR A 256 -9.82 10.89 -17.47
CA THR A 256 -9.34 12.05 -16.71
C THR A 256 -9.80 13.37 -17.39
N ASP A 257 -9.88 13.42 -18.73
CA ASP A 257 -10.37 14.61 -19.47
C ASP A 257 -11.86 14.84 -19.15
N PHE A 258 -12.62 13.75 -19.06
CA PHE A 258 -14.05 13.75 -18.70
C PHE A 258 -14.25 14.36 -17.31
N TRP A 259 -13.43 13.91 -16.32
CA TRP A 259 -13.47 14.41 -14.95
C TRP A 259 -13.02 15.87 -14.87
N LYS A 260 -12.01 16.26 -15.69
CA LYS A 260 -11.50 17.63 -15.78
C LYS A 260 -12.62 18.56 -16.25
N GLN A 261 -13.42 18.10 -17.23
CA GLN A 261 -14.58 18.82 -17.78
C GLN A 261 -15.70 19.00 -16.74
N GLN A 262 -15.87 18.05 -15.80
CA GLN A 262 -16.89 18.12 -14.74
C GLN A 262 -16.40 18.90 -13.52
N GLY A 263 -15.11 19.22 -13.52
CA GLY A 263 -14.46 19.92 -12.41
C GLY A 263 -14.20 19.01 -11.22
N LEU A 264 -13.94 17.71 -11.48
CA LEU A 264 -13.70 16.70 -10.43
C LEU A 264 -12.23 16.31 -10.30
N LEU A 265 -11.42 16.64 -11.31
CA LEU A 265 -10.00 16.31 -11.33
C LEU A 265 -9.21 17.40 -10.61
N LEU A 266 -8.79 17.10 -9.37
CA LEU A 266 -8.05 18.04 -8.53
C LEU A 266 -6.55 17.90 -8.76
N TYR A 267 -6.08 16.69 -9.12
CA TYR A 267 -4.68 16.40 -9.42
C TYR A 267 -4.63 15.19 -10.36
N CYS A 268 -3.67 15.17 -11.30
CA CYS A 268 -3.50 14.05 -12.22
C CYS A 268 -2.07 13.91 -12.68
N ASP A 269 -1.54 12.68 -12.59
CA ASP A 269 -0.23 12.28 -13.09
C ASP A 269 -0.38 10.90 -13.76
N ILE A 270 -0.25 10.85 -15.11
CA ILE A 270 -0.38 9.61 -15.88
C ILE A 270 1.03 9.10 -16.27
N LEU A 271 1.33 7.85 -15.88
CA LEU A 271 2.57 7.15 -16.20
C LEU A 271 2.32 6.17 -17.36
N GLN A 292 0.22 0.84 -17.89
CA GLN A 292 -0.16 2.25 -17.79
C GLN A 292 -0.95 2.53 -16.49
N LYS A 293 -0.60 3.61 -15.77
CA LYS A 293 -1.27 3.93 -14.51
C LYS A 293 -1.37 5.44 -14.28
N CYS A 294 -2.22 5.87 -13.33
CA CYS A 294 -2.34 7.28 -12.98
C CYS A 294 -2.61 7.43 -11.50
N PHE A 295 -2.03 8.50 -10.92
CA PHE A 295 -2.16 8.91 -9.52
C PHE A 295 -2.99 10.16 -9.53
N LEU A 296 -4.18 10.08 -8.93
CA LEU A 296 -5.13 11.19 -8.96
C LEU A 296 -5.58 11.64 -7.59
N ILE A 297 -6.21 12.82 -7.59
CA ILE A 297 -6.96 13.40 -6.49
C ILE A 297 -8.29 13.76 -7.11
N LEU A 298 -9.37 13.16 -6.61
CA LEU A 298 -10.71 13.43 -7.15
C LEU A 298 -11.57 14.16 -6.15
N LYS A 299 -12.50 14.98 -6.66
CA LYS A 299 -13.47 15.69 -5.86
C LYS A 299 -14.68 14.78 -5.66
N LEU A 300 -14.91 14.32 -4.41
CA LEU A 300 -16.03 13.44 -4.08
C LEU A 300 -17.13 14.22 -3.36
N ASP A 301 -18.22 14.53 -4.08
CA ASP A 301 -19.36 15.27 -3.55
C ASP A 301 -20.05 14.47 -2.44
N HIS A 302 -20.41 15.14 -1.32
CA HIS A 302 -21.05 14.52 -0.16
C HIS A 302 -22.37 13.81 -0.51
N GLY A 303 -23.10 14.32 -1.51
CA GLY A 303 -24.35 13.74 -1.98
C GLY A 303 -24.24 12.32 -2.52
N ARG A 304 -23.04 11.95 -3.00
CA ARG A 304 -22.72 10.63 -3.57
C ARG A 304 -22.42 9.57 -2.49
N VAL A 305 -22.13 10.02 -1.27
CA VAL A 305 -21.81 9.14 -0.13
C VAL A 305 -23.02 9.11 0.81
N HIS A 306 -23.58 7.93 1.08
CA HIS A 306 -24.77 7.82 1.95
C HIS A 306 -24.48 8.16 3.42
N GLY A 315 -19.98 21.35 5.72
CA GLY A 315 -18.85 22.19 5.35
C GLY A 315 -18.86 22.61 3.89
N LYS A 316 -17.75 22.32 3.17
CA LYS A 316 -17.59 22.66 1.74
C LYS A 316 -18.50 21.80 0.83
N GLY A 317 -18.97 20.67 1.35
CA GLY A 317 -19.86 19.77 0.60
C GLY A 317 -19.18 18.69 -0.21
N TRP A 318 -17.86 18.56 -0.11
CA TRP A 318 -17.09 17.54 -0.85
C TRP A 318 -15.82 17.15 -0.09
N LYS A 319 -15.15 16.05 -0.51
CA LYS A 319 -13.91 15.55 0.09
C LYS A 319 -12.91 15.17 -1.00
N ALA A 320 -11.64 15.60 -0.86
CA ALA A 320 -10.55 15.21 -1.77
C ALA A 320 -10.15 13.77 -1.45
N ILE A 321 -10.11 12.93 -2.50
CA ILE A 321 -9.79 11.50 -2.37
C ILE A 321 -8.65 11.12 -3.30
N ARG A 322 -7.63 10.46 -2.75
CA ARG A 322 -6.53 9.92 -3.54
C ARG A 322 -7.05 8.65 -4.26
N VAL A 323 -6.91 8.61 -5.59
CA VAL A 323 -7.36 7.49 -6.40
C VAL A 323 -6.23 7.05 -7.34
N ASP A 324 -5.96 5.75 -7.42
CA ASP A 324 -5.00 5.22 -8.39
C ASP A 324 -5.69 4.29 -9.36
N LEU A 325 -5.42 4.47 -10.66
CA LEU A 325 -6.01 3.62 -11.70
C LEU A 325 -4.91 2.92 -12.46
N VAL A 326 -5.09 1.62 -12.71
CA VAL A 326 -4.16 0.80 -13.49
C VAL A 326 -4.93 0.17 -14.65
N MET A 327 -4.41 0.32 -15.87
CA MET A 327 -4.99 -0.29 -17.09
C MET A 327 -4.06 -1.41 -17.56
N CYS A 328 -4.56 -2.63 -17.70
CA CYS A 328 -3.67 -3.71 -18.16
C CYS A 328 -4.29 -4.46 -19.34
N PRO A 329 -3.45 -5.13 -20.18
CA PRO A 329 -4.02 -5.97 -21.25
C PRO A 329 -4.80 -7.13 -20.63
N TYR A 330 -5.91 -7.50 -21.25
CA TYR A 330 -6.83 -8.53 -20.78
C TYR A 330 -6.15 -9.85 -20.37
N ASP A 331 -5.21 -10.36 -21.17
CA ASP A 331 -4.55 -11.63 -20.93
C ASP A 331 -3.62 -11.62 -19.69
N ARG A 332 -3.24 -10.43 -19.16
CA ARG A 332 -2.37 -10.29 -17.99
C ARG A 332 -3.15 -9.88 -16.72
N ARG A 333 -4.49 -9.83 -16.80
CA ARG A 333 -5.34 -9.37 -15.70
C ARG A 333 -5.16 -10.12 -14.37
N ALA A 334 -4.84 -11.44 -14.37
CA ALA A 334 -4.63 -12.17 -13.10
C ALA A 334 -3.36 -11.72 -12.39
N PHE A 335 -2.29 -11.49 -13.16
CA PHE A 335 -1.01 -11.03 -12.60
C PHE A 335 -1.15 -9.62 -12.03
N ALA A 336 -1.89 -8.74 -12.73
CA ALA A 336 -2.12 -7.37 -12.31
C ALA A 336 -2.98 -7.33 -11.06
N LEU A 337 -4.07 -8.11 -11.03
CA LEU A 337 -4.97 -8.19 -9.86
C LEU A 337 -4.21 -8.63 -8.62
N LEU A 338 -3.40 -9.69 -8.76
CA LEU A 338 -2.59 -10.21 -7.68
C LEU A 338 -1.58 -9.19 -7.18
N GLY A 339 -0.87 -8.52 -8.10
CA GLY A 339 0.11 -7.49 -7.74
C GLY A 339 -0.49 -6.26 -7.11
N TRP A 340 -1.70 -5.85 -7.53
CA TRP A 340 -2.29 -4.63 -6.99
C TRP A 340 -3.18 -4.85 -5.79
N THR A 341 -3.46 -6.12 -5.42
CA THR A 341 -4.30 -6.37 -4.24
C THR A 341 -3.46 -6.16 -2.97
N GLY A 342 -2.18 -6.48 -3.06
CA GLY A 342 -1.27 -6.39 -1.92
C GLY A 342 -1.52 -7.44 -0.86
N SER A 343 -1.12 -7.20 0.42
CA SER A 343 -0.41 -6.02 0.94
C SER A 343 1.00 -5.92 0.36
N ARG A 344 1.73 -4.82 0.63
CA ARG A 344 3.13 -4.66 0.17
C ARG A 344 3.99 -5.86 0.65
N GLN A 345 3.86 -6.26 1.94
CA GLN A 345 4.64 -7.38 2.50
C GLN A 345 4.29 -8.69 1.82
N PHE A 346 2.99 -8.91 1.53
CA PHE A 346 2.54 -10.11 0.83
C PHE A 346 3.19 -10.18 -0.57
N GLU A 347 3.21 -9.06 -1.29
CA GLU A 347 3.78 -8.95 -2.65
C GLU A 347 5.29 -9.22 -2.69
N ARG A 348 6.05 -8.56 -1.78
CA ARG A 348 7.49 -8.75 -1.65
C ARG A 348 7.82 -10.24 -1.41
N ASP A 349 7.09 -10.88 -0.48
CA ASP A 349 7.33 -12.27 -0.09
C ASP A 349 6.92 -13.23 -1.20
N LEU A 350 5.85 -12.93 -1.96
CA LEU A 350 5.44 -13.71 -3.14
C LEU A 350 6.59 -13.77 -4.15
N ARG A 351 7.20 -12.61 -4.44
CA ARG A 351 8.32 -12.50 -5.40
C ARG A 351 9.60 -13.15 -4.83
N ARG A 352 9.86 -12.98 -3.52
CA ARG A 352 11.02 -13.59 -2.82
C ARG A 352 10.90 -15.13 -2.80
N TYR A 353 9.71 -15.65 -2.49
CA TYR A 353 9.40 -17.07 -2.50
C TYR A 353 9.57 -17.61 -3.93
N ALA A 354 8.97 -16.93 -4.93
CA ALA A 354 9.09 -17.38 -6.33
C ALA A 354 10.59 -17.52 -6.73
N THR A 355 11.43 -16.54 -6.37
CA THR A 355 12.85 -16.55 -6.72
C THR A 355 13.63 -17.63 -5.96
N HIS A 356 13.61 -17.59 -4.62
CA HIS A 356 14.41 -18.45 -3.77
C HIS A 356 13.90 -19.86 -3.61
N GLU A 357 12.58 -20.08 -3.65
CA GLU A 357 12.08 -21.45 -3.44
C GLU A 357 11.70 -22.18 -4.73
N ARG A 358 11.33 -21.46 -5.79
CA ARG A 358 10.84 -22.11 -7.02
C ARG A 358 11.68 -21.80 -8.26
N LYS A 359 12.67 -20.89 -8.14
CA LYS A 359 13.50 -20.41 -9.24
C LYS A 359 12.58 -19.86 -10.35
N MET A 360 11.58 -19.07 -9.93
CA MET A 360 10.62 -18.41 -10.79
C MET A 360 10.74 -16.89 -10.61
N MET A 361 10.21 -16.14 -11.56
CA MET A 361 10.27 -14.69 -11.53
C MET A 361 8.86 -14.16 -11.73
N LEU A 362 8.36 -13.50 -10.70
CA LEU A 362 7.01 -12.98 -10.71
C LEU A 362 6.99 -11.45 -10.66
N ASP A 363 6.08 -10.87 -11.45
CA ASP A 363 5.85 -9.43 -11.45
C ASP A 363 4.36 -9.19 -11.76
N ASN A 364 3.93 -7.91 -11.90
CA ASN A 364 2.53 -7.58 -12.15
C ASN A 364 2.02 -7.97 -13.55
N HIS A 365 2.89 -8.43 -14.46
N HIS A 365 2.89 -8.42 -14.48
CA HIS A 365 2.49 -8.76 -15.82
CA HIS A 365 2.41 -8.77 -15.82
C HIS A 365 2.61 -10.24 -16.15
C HIS A 365 2.60 -10.25 -16.16
N ALA A 366 3.59 -10.94 -15.52
CA ALA A 366 3.87 -12.32 -15.87
C ALA A 366 4.55 -13.14 -14.76
N LEU A 367 4.62 -14.47 -15.00
CA LEU A 367 5.29 -15.46 -14.18
C LEU A 367 6.18 -16.28 -15.10
N TYR A 368 7.46 -16.25 -14.81
CA TYR A 368 8.45 -16.87 -15.64
C TYR A 368 9.24 -17.95 -14.89
N ASP A 369 9.45 -19.10 -15.51
CA ASP A 369 10.24 -20.21 -14.98
C ASP A 369 11.67 -20.08 -15.55
N ARG A 370 12.64 -19.73 -14.69
CA ARG A 370 14.05 -19.51 -15.05
C ARG A 370 14.77 -20.79 -15.51
N THR A 371 14.37 -21.96 -14.98
CA THR A 371 14.99 -23.23 -15.33
C THR A 371 14.46 -23.71 -16.68
N LYS A 372 13.13 -23.74 -16.84
CA LYS A 372 12.48 -24.20 -18.06
C LYS A 372 12.54 -23.14 -19.16
N ARG A 373 12.84 -21.87 -18.80
CA ARG A 373 12.97 -20.72 -19.71
C ARG A 373 11.64 -20.47 -20.45
N VAL A 374 10.51 -20.59 -19.72
CA VAL A 374 9.15 -20.44 -20.23
C VAL A 374 8.27 -19.61 -19.29
N PHE A 375 7.35 -18.85 -19.89
CA PHE A 375 6.33 -18.09 -19.19
C PHE A 375 5.14 -18.99 -18.86
N LEU A 376 4.60 -18.86 -17.64
CA LEU A 376 3.45 -19.64 -17.20
C LEU A 376 2.17 -18.80 -17.28
N GLU A 377 1.14 -19.32 -17.94
CA GLU A 377 -0.13 -18.60 -18.16
C GLU A 377 -1.11 -18.80 -17.01
N ALA A 378 -2.00 -17.81 -16.79
CA ALA A 378 -3.00 -17.82 -15.72
C ALA A 378 -4.20 -16.94 -16.08
N GLU A 379 -5.42 -17.43 -15.83
CA GLU A 379 -6.65 -16.64 -16.04
C GLU A 379 -7.19 -16.11 -14.69
N SER A 380 -6.67 -16.67 -13.57
CA SER A 380 -7.09 -16.31 -12.21
C SER A 380 -5.91 -16.28 -11.24
N GLU A 381 -6.12 -15.68 -10.06
CA GLU A 381 -5.12 -15.63 -8.98
C GLU A 381 -4.82 -17.04 -8.49
N GLU A 382 -5.88 -17.89 -8.40
CA GLU A 382 -5.76 -19.29 -7.98
C GLU A 382 -4.74 -20.05 -8.83
N GLU A 383 -4.75 -19.83 -10.17
CA GLU A 383 -3.83 -20.49 -11.11
C GLU A 383 -2.37 -20.04 -10.86
N ILE A 384 -2.16 -18.76 -10.44
CA ILE A 384 -0.82 -18.25 -10.12
C ILE A 384 -0.30 -18.94 -8.85
N PHE A 385 -1.14 -18.99 -7.79
CA PHE A 385 -0.81 -19.70 -6.55
C PHE A 385 -0.48 -21.16 -6.84
N ALA A 386 -1.29 -21.85 -7.70
CA ALA A 386 -1.04 -23.24 -8.06
C ALA A 386 0.31 -23.41 -8.78
N HIS A 387 0.66 -22.50 -9.72
CA HIS A 387 1.97 -22.56 -10.42
C HIS A 387 3.15 -22.47 -9.45
N LEU A 388 2.99 -21.65 -8.39
CA LEU A 388 4.03 -21.41 -7.39
C LEU A 388 4.11 -22.50 -6.33
N GLY A 389 3.14 -23.41 -6.32
CA GLY A 389 3.08 -24.49 -5.33
C GLY A 389 2.65 -23.99 -3.97
N LEU A 390 1.78 -22.96 -3.95
CA LEU A 390 1.26 -22.33 -2.75
C LEU A 390 -0.22 -22.60 -2.55
N ASP A 391 -0.65 -22.78 -1.28
CA ASP A 391 -2.08 -22.88 -0.97
C ASP A 391 -2.70 -21.53 -1.27
N TYR A 392 -3.93 -21.52 -1.81
CA TYR A 392 -4.58 -20.26 -2.14
C TYR A 392 -4.90 -19.44 -0.89
N ILE A 393 -4.48 -18.17 -0.89
CA ILE A 393 -4.70 -17.23 0.20
C ILE A 393 -5.76 -16.25 -0.30
N GLU A 394 -6.90 -16.16 0.38
CA GLU A 394 -7.99 -15.24 0.04
C GLU A 394 -7.54 -13.78 0.16
N PRO A 395 -8.11 -12.82 -0.61
CA PRO A 395 -7.64 -11.42 -0.49
C PRO A 395 -7.70 -10.86 0.93
N TRP A 396 -8.76 -11.21 1.72
CA TRP A 396 -8.88 -10.75 3.11
C TRP A 396 -7.88 -11.44 4.06
N GLU A 397 -7.11 -12.43 3.56
CA GLU A 397 -6.07 -13.13 4.31
C GLU A 397 -4.66 -12.67 3.87
N ARG A 398 -4.60 -11.60 3.03
CA ARG A 398 -3.30 -11.08 2.55
C ARG A 398 -2.89 -9.79 3.29
N ASN A 399 -3.38 -9.58 4.50
CA ASN A 399 -3.08 -8.35 5.26
C ASN A 399 -1.77 -8.44 6.05
N ALA A 400 -0.71 -8.97 5.42
CA ALA A 400 0.61 -9.16 5.99
C ALA A 400 1.32 -7.84 6.31
MG MG E . -4.36 1.73 -1.29
MG MG F . -2.54 3.26 -4.03
NA NA G . 4.46 12.27 1.17
N1 DCT H . 2.16 -2.11 -3.62
C2 DCT H . 3.36 -2.86 -3.69
N3 DCT H . 4.51 -2.35 -3.13
C4 DCT H . 4.50 -1.14 -2.48
C5 DCT H . 3.31 -0.38 -2.37
C6 DCT H . 2.14 -0.87 -2.96
O2 DCT H . 3.39 -3.99 -4.25
N4 DCT H . 5.63 -0.64 -1.97
C1' DCT H . 0.95 -2.67 -4.19
C2' DCT H . 0.19 -3.69 -3.30
C3' DCT H . -1.03 -2.88 -2.85
C4' DCT H . -1.31 -1.90 -4.04
O4' DCT H . 0.00 -1.69 -4.64
C5' DCT H . -1.88 -0.61 -3.42
O5' DCT H . -0.83 0.13 -2.75
PA DCT H . -1.25 1.24 -1.68
O1A DCT H . -0.01 2.08 -1.50
O2A DCT H . -2.48 1.99 -2.04
O3A DCT H . -1.57 0.47 -0.40
PB DCT H . -2.80 -0.24 0.34
O1B DCT H . -2.61 -1.72 0.50
O2B DCT H . -3.99 -0.18 -0.69
O3B DCT H . -3.11 0.38 1.80
PG DCT H . -4.02 1.73 2.01
O1G DCT H . -3.69 2.42 3.39
O2G DCT H . -3.96 2.52 0.76
O3G DCT H . -5.57 1.13 2.11
#